data_6EK8
#
_entry.id   6EK8
#
_cell.length_a   111.700
_cell.length_b   111.700
_cell.length_c   169.660
_cell.angle_alpha   90.00
_cell.angle_beta   90.00
_cell.angle_gamma   120.00
#
_symmetry.space_group_name_H-M   'P 65 2 2'
#
_entity_poly.entity_id   1
_entity_poly.type   'polypeptide(L)'
_entity_poly.pdbx_seq_one_letter_code
;GAEISTFPHSGLSYPDINFKIFSQGVKNISHLAQFKTTGVEVLQEKALRVSLYSQRLDVIVRESLSSLQVKLENTLALTY
FTTLEEIDEALISQDIDEESKSEMRKERINIIKNLSNDITQLKQLFIEKTELLDKSSSDLHNVVIIEGTDKVLQAEQLRQ
KQLTEDIATKELERKEIEKKRDKIIEALDVIREHNLVDAFKDLIPTGENLSELDLAKPEIELLKQSLEITKKLLGQFSEG
LKYIDLTDARKKLDNQIDTASTRLTELNRQLEQSEKLIAGVNAVIKIDQEKSAVVVEAEKLSRAWHIFIHEITALQGTSL
NEVELSKPLIKQQIYLESLIKQLI
;
_entity_poly.pdbx_strand_id   A
#
# COMPACT_ATOMS: atom_id res chain seq x y z
N SER A 10 28.55 -2.01 -17.05
CA SER A 10 28.45 -3.06 -18.10
C SER A 10 28.44 -4.45 -17.48
N GLY A 11 27.41 -5.23 -17.79
CA GLY A 11 27.23 -6.59 -17.27
C GLY A 11 26.16 -6.76 -16.22
N LEU A 12 25.42 -5.69 -15.92
CA LEU A 12 24.35 -5.72 -14.91
C LEU A 12 23.01 -6.06 -15.57
N SER A 13 22.04 -6.43 -14.74
CA SER A 13 20.71 -6.80 -15.20
C SER A 13 19.65 -6.05 -14.39
N TYR A 14 18.54 -5.75 -15.05
CA TYR A 14 17.44 -5.04 -14.39
C TYR A 14 16.79 -5.97 -13.38
N PRO A 15 16.37 -5.43 -12.22
CA PRO A 15 15.79 -6.28 -11.19
C PRO A 15 14.40 -6.77 -11.56
N ASP A 16 14.03 -7.91 -10.99
CA ASP A 16 12.71 -8.50 -11.21
C ASP A 16 11.67 -7.72 -10.41
N ILE A 17 10.72 -7.13 -11.12
CA ILE A 17 9.69 -6.30 -10.50
C ILE A 17 8.34 -6.96 -10.74
N ASN A 18 7.66 -7.30 -9.65
CA ASN A 18 6.33 -7.90 -9.70
C ASN A 18 5.33 -6.83 -9.26
N PHE A 19 4.90 -6.02 -10.22
CA PHE A 19 3.93 -4.95 -9.95
C PHE A 19 2.52 -5.42 -9.65
N LYS A 20 2.26 -6.73 -9.68
CA LYS A 20 0.96 -7.25 -9.28
C LYS A 20 0.73 -7.01 -7.80
N ILE A 21 1.74 -7.31 -6.98
CA ILE A 21 1.64 -7.09 -5.54
C ILE A 21 1.54 -5.58 -5.25
N PHE A 22 2.28 -4.77 -5.99
CA PHE A 22 2.21 -3.32 -5.86
C PHE A 22 0.81 -2.80 -6.16
N SER A 23 0.28 -3.17 -7.33
CA SER A 23 -1.03 -2.69 -7.77
C SER A 23 -2.16 -3.14 -6.85
N GLN A 24 -2.21 -4.44 -6.57
CA GLN A 24 -3.24 -4.97 -5.68
C GLN A 24 -3.05 -4.54 -4.22
N GLY A 25 -1.83 -4.16 -3.85
CA GLY A 25 -1.53 -3.66 -2.50
C GLY A 25 -2.02 -2.25 -2.29
N VAL A 26 -1.75 -1.36 -3.24
CA VAL A 26 -2.31 -0.02 -3.20
C VAL A 26 -3.83 -0.05 -3.36
N LYS A 27 -4.34 -1.03 -4.12
CA LYS A 27 -5.79 -1.26 -4.21
C LYS A 27 -6.36 -1.68 -2.86
N ASN A 28 -5.71 -2.65 -2.22
CA ASN A 28 -6.14 -3.12 -0.90
C ASN A 28 -6.14 -1.98 0.11
N ILE A 29 -5.04 -1.25 0.19
CA ILE A 29 -4.91 -0.15 1.15
C ILE A 29 -5.94 0.96 0.93
N SER A 30 -6.14 1.34 -0.33
CA SER A 30 -7.15 2.35 -0.66
C SER A 30 -8.57 1.84 -0.42
N HIS A 31 -8.77 0.52 -0.51
CA HIS A 31 -10.08 -0.11 -0.26
C HIS A 31 -10.22 -0.71 1.13
N LEU A 32 -9.16 -0.65 1.94
CA LEU A 32 -9.19 -1.09 3.34
C LEU A 32 -9.25 0.07 4.33
N ALA A 33 -9.71 1.23 3.87
CA ALA A 33 -9.82 2.41 4.74
C ALA A 33 -11.12 2.38 5.54
N GLN A 34 -11.39 1.25 6.20
CA GLN A 34 -12.61 1.05 6.99
C GLN A 34 -12.22 0.68 8.43
N PHE A 35 -13.04 -0.16 9.08
CA PHE A 35 -12.83 -0.61 10.44
C PHE A 35 -12.73 0.55 11.44
N GLU A 45 -8.48 5.81 11.34
CA GLU A 45 -8.13 7.15 11.81
C GLU A 45 -6.79 7.63 11.27
N LYS A 46 -5.72 6.88 11.55
CA LYS A 46 -4.38 7.19 11.05
C LYS A 46 -4.10 6.36 9.81
N ALA A 47 -4.71 5.17 9.74
CA ALA A 47 -4.68 4.34 8.53
C ALA A 47 -5.27 5.01 7.29
N LEU A 48 -5.96 6.14 7.48
CA LEU A 48 -6.38 6.97 6.35
C LEU A 48 -5.18 7.62 5.66
N ARG A 49 -4.29 8.23 6.43
CA ARG A 49 -3.18 8.99 5.86
C ARG A 49 -2.18 8.13 5.09
N VAL A 50 -2.02 6.88 5.52
CA VAL A 50 -1.13 5.93 4.84
C VAL A 50 -1.65 5.62 3.42
N SER A 51 -2.96 5.78 3.20
CA SER A 51 -3.54 5.63 1.87
C SER A 51 -3.29 6.87 1.01
N LEU A 52 -3.28 8.05 1.63
CA LEU A 52 -3.06 9.30 0.89
C LEU A 52 -1.67 9.39 0.29
N TYR A 53 -0.65 9.20 1.13
CA TYR A 53 0.74 9.21 0.66
C TYR A 53 1.02 8.12 -0.36
N SER A 54 0.57 6.90 -0.05
CA SER A 54 0.66 5.79 -0.99
C SER A 54 -0.10 6.08 -2.29
N GLN A 55 -1.16 6.89 -2.23
CA GLN A 55 -1.84 7.35 -3.44
C GLN A 55 -0.98 8.33 -4.23
N ARG A 56 -0.32 9.26 -3.54
CA ARG A 56 0.59 10.20 -4.19
C ARG A 56 1.69 9.45 -4.92
N LEU A 57 2.43 8.63 -4.20
CA LEU A 57 3.35 7.67 -4.81
C LEU A 57 2.69 6.94 -5.97
N ASP A 58 1.48 6.41 -5.74
CA ASP A 58 0.76 5.65 -6.76
C ASP A 58 0.57 6.46 -8.03
N VAL A 59 0.18 7.73 -7.91
CA VAL A 59 0.05 8.56 -9.12
C VAL A 59 1.41 8.96 -9.67
N ILE A 60 2.37 9.20 -8.76
CA ILE A 60 3.72 9.59 -9.16
C ILE A 60 4.32 8.57 -10.10
N VAL A 61 4.31 7.31 -9.69
CA VAL A 61 4.71 6.23 -10.58
C VAL A 61 3.78 6.16 -11.79
N ARG A 62 2.46 6.16 -11.56
CA ARG A 62 1.47 5.89 -12.61
C ARG A 62 1.69 6.72 -13.85
N GLU A 63 1.92 8.01 -13.67
CA GLU A 63 2.19 8.89 -14.79
C GLU A 63 3.66 8.90 -15.22
N SER A 64 4.60 8.79 -14.27
CA SER A 64 6.02 8.92 -14.60
C SER A 64 6.47 7.88 -15.61
N LEU A 65 6.24 6.60 -15.29
CA LEU A 65 6.56 5.51 -16.21
C LEU A 65 5.89 5.70 -17.58
N SER A 66 4.71 6.31 -17.62
CA SER A 66 4.05 6.62 -18.89
C SER A 66 4.70 7.82 -19.57
N SER A 67 5.00 8.86 -18.80
CA SER A 67 5.72 10.03 -19.34
C SER A 67 7.13 9.66 -19.78
N LEU A 68 7.76 8.72 -19.08
CA LEU A 68 9.05 8.17 -19.50
C LEU A 68 8.93 7.33 -20.75
N GLN A 69 7.80 6.64 -20.91
CA GLN A 69 7.55 5.84 -22.11
C GLN A 69 7.46 6.73 -23.35
N VAL A 70 6.52 7.67 -23.32
CA VAL A 70 6.30 8.58 -24.46
C VAL A 70 7.53 9.45 -24.73
N LYS A 71 8.29 9.77 -23.68
CA LYS A 71 9.55 10.50 -23.86
C LYS A 71 10.63 9.60 -24.46
N LEU A 72 10.66 8.33 -24.05
CA LEU A 72 11.63 7.39 -24.59
C LEU A 72 11.41 7.16 -26.08
N GLU A 73 10.17 6.83 -26.45
CA GLU A 73 9.82 6.64 -27.86
C GLU A 73 10.04 7.90 -28.70
N ASN A 74 9.59 9.04 -28.18
CA ASN A 74 9.80 10.33 -28.87
C ASN A 74 11.27 10.57 -29.15
N THR A 75 12.10 10.47 -28.12
CA THR A 75 13.54 10.61 -28.28
C THR A 75 14.10 9.61 -29.30
N LEU A 76 13.56 8.39 -29.31
CA LEU A 76 13.88 7.42 -30.37
C LEU A 76 13.59 7.98 -31.76
N ALA A 77 12.37 8.46 -31.96
CA ALA A 77 11.98 9.13 -33.21
C ALA A 77 12.85 10.36 -33.51
N LEU A 78 13.46 10.95 -32.48
CA LEU A 78 14.40 12.06 -32.64
C LEU A 78 15.85 11.61 -32.84
N THR A 79 16.25 10.49 -32.22
CA THR A 79 17.63 10.02 -32.33
C THR A 79 17.98 9.65 -33.76
N TYR A 80 17.11 8.87 -34.41
CA TYR A 80 17.28 8.61 -35.83
C TYR A 80 16.97 9.82 -36.71
N PHE A 81 16.30 10.83 -36.17
CA PHE A 81 16.11 12.10 -36.88
C PHE A 81 17.41 12.89 -36.98
N THR A 82 17.99 13.23 -35.84
CA THR A 82 19.27 13.94 -35.80
C THR A 82 20.36 13.19 -36.55
N THR A 83 20.45 11.88 -36.32
CA THR A 83 21.44 11.06 -37.03
C THR A 83 21.08 10.85 -38.50
N LEU A 84 19.81 11.01 -38.87
CA LEU A 84 19.46 11.12 -40.29
C LEU A 84 20.08 12.37 -40.91
N GLU A 85 20.08 13.47 -40.16
CA GLU A 85 20.85 14.66 -40.53
C GLU A 85 22.35 14.37 -40.59
N GLU A 86 22.82 13.41 -39.77
CA GLU A 86 24.17 12.88 -39.88
C GLU A 86 24.40 12.03 -41.13
N ILE A 87 23.35 11.38 -41.62
CA ILE A 87 23.42 10.60 -42.87
C ILE A 87 23.35 11.51 -44.10
N ASP A 88 22.78 12.70 -43.95
CA ASP A 88 22.54 13.59 -45.09
C ASP A 88 23.81 13.97 -45.87
N GLU A 89 24.94 14.01 -45.17
CA GLU A 89 26.24 14.32 -45.80
C GLU A 89 26.80 13.21 -46.68
N ALA A 90 26.17 12.03 -46.68
CA ALA A 90 26.62 10.91 -47.50
C ALA A 90 26.24 11.11 -48.97
N ILE A 109 28.44 20.89 -37.25
CA ILE A 109 28.76 20.25 -35.95
C ILE A 109 27.77 20.67 -34.86
N ASN A 110 26.54 20.97 -35.27
CA ASN A 110 25.45 21.28 -34.34
C ASN A 110 24.65 20.05 -33.98
N ILE A 111 24.60 19.07 -34.88
CA ILE A 111 23.94 17.79 -34.62
C ILE A 111 24.48 17.09 -33.38
N ILE A 112 25.79 17.21 -33.13
CA ILE A 112 26.39 16.65 -31.92
C ILE A 112 25.93 17.43 -30.69
N LYS A 113 25.88 18.75 -30.79
CA LYS A 113 25.44 19.61 -29.70
C LYS A 113 24.05 19.22 -29.22
N ASN A 114 23.06 19.33 -30.11
CA ASN A 114 21.67 19.00 -29.77
C ASN A 114 21.47 17.51 -29.49
N LEU A 115 22.27 16.65 -30.13
CA LEU A 115 22.18 15.21 -29.91
C LEU A 115 22.55 14.83 -28.48
N SER A 116 23.77 15.21 -28.08
CA SER A 116 24.23 14.96 -26.71
C SER A 116 23.37 15.71 -25.69
N ASN A 117 22.91 16.90 -26.04
CA ASN A 117 22.02 17.67 -25.17
C ASN A 117 20.68 16.96 -24.97
N ASP A 118 20.17 16.34 -26.04
CA ASP A 118 18.88 15.65 -25.98
C ASP A 118 18.97 14.37 -25.15
N ILE A 119 20.01 13.58 -25.38
CA ILE A 119 20.20 12.34 -24.61
C ILE A 119 20.51 12.63 -23.15
N THR A 120 21.21 13.74 -22.89
CA THR A 120 21.47 14.17 -21.51
C THR A 120 20.21 14.75 -20.85
N GLN A 121 19.33 15.37 -21.65
CA GLN A 121 18.04 15.83 -21.14
C GLN A 121 17.14 14.64 -20.78
N LEU A 122 17.22 13.57 -21.56
CA LEU A 122 16.53 12.32 -21.24
C LEU A 122 17.09 11.73 -19.95
N LYS A 123 18.42 11.70 -19.82
CA LYS A 123 19.07 11.29 -18.58
C LYS A 123 18.62 12.15 -17.39
N GLN A 124 18.46 13.45 -17.62
CA GLN A 124 18.02 14.38 -16.57
C GLN A 124 16.57 14.13 -16.16
N LEU A 125 15.72 13.79 -17.13
CA LEU A 125 14.36 13.36 -16.83
C LEU A 125 14.38 12.12 -15.94
N PHE A 126 15.25 11.17 -16.26
CA PHE A 126 15.43 9.98 -15.41
C PHE A 126 15.92 10.36 -14.02
N ILE A 127 16.86 11.30 -13.94
CA ILE A 127 17.35 11.83 -12.67
C ILE A 127 16.21 12.36 -11.81
N GLU A 128 15.45 13.29 -12.37
CA GLU A 128 14.39 13.97 -11.60
C GLU A 128 13.24 13.03 -11.26
N LYS A 129 12.92 12.10 -12.14
CA LYS A 129 11.87 11.12 -11.85
C LYS A 129 12.28 10.09 -10.82
N THR A 130 13.55 9.68 -10.84
CA THR A 130 14.10 8.85 -9.78
C THR A 130 14.08 9.58 -8.44
N GLU A 131 14.48 10.85 -8.45
CA GLU A 131 14.46 11.67 -7.24
C GLU A 131 13.03 11.83 -6.68
N LEU A 132 12.07 12.11 -7.57
CA LEU A 132 10.68 12.32 -7.16
C LEU A 132 10.04 11.03 -6.64
N LEU A 133 10.18 9.95 -7.40
CA LEU A 133 9.62 8.65 -7.01
C LEU A 133 10.23 8.14 -5.71
N ASP A 134 11.55 8.26 -5.58
CA ASP A 134 12.24 7.81 -4.37
C ASP A 134 11.97 8.72 -3.17
N LYS A 135 11.77 10.02 -3.41
CA LYS A 135 11.35 10.92 -2.34
C LYS A 135 9.99 10.51 -1.82
N SER A 136 9.05 10.23 -2.73
CA SER A 136 7.73 9.73 -2.34
C SER A 136 7.82 8.40 -1.59
N SER A 137 8.71 7.51 -2.05
CA SER A 137 8.87 6.19 -1.44
C SER A 137 9.46 6.28 -0.02
N SER A 138 10.59 6.98 0.11
CA SER A 138 11.23 7.17 1.42
C SER A 138 10.42 8.05 2.37
N ASP A 139 9.54 8.89 1.83
CA ASP A 139 8.63 9.71 2.64
C ASP A 139 7.47 8.85 3.15
N LEU A 140 6.99 7.94 2.30
CA LEU A 140 5.97 6.98 2.69
C LEU A 140 6.50 5.98 3.73
N HIS A 141 7.78 5.61 3.61
CA HIS A 141 8.37 4.65 4.54
C HIS A 141 8.54 5.17 5.96
N ASN A 142 8.61 6.50 6.13
CA ASN A 142 8.81 7.09 7.46
C ASN A 142 7.61 6.87 8.38
N VAL A 143 6.42 7.16 7.87
CA VAL A 143 5.19 6.97 8.63
C VAL A 143 4.93 5.48 8.85
N VAL A 144 4.64 5.12 10.11
CA VAL A 144 4.37 3.73 10.49
C VAL A 144 3.16 3.72 11.42
N ILE A 145 2.67 2.52 11.72
CA ILE A 145 1.44 2.31 12.47
C ILE A 145 1.64 1.40 13.69
N ILE A 146 2.41 0.33 13.54
CA ILE A 146 2.65 -0.63 14.64
C ILE A 146 3.63 0.01 15.64
N GLU A 147 3.74 -0.64 16.80
CA GLU A 147 4.41 -0.20 18.04
C GLU A 147 3.42 0.49 18.99
N GLY A 148 2.25 0.84 18.48
CA GLY A 148 1.17 1.42 19.28
C GLY A 148 -0.14 0.66 19.13
N THR A 149 -0.08 -0.51 18.52
CA THR A 149 -1.27 -1.31 18.21
C THR A 149 -1.33 -2.62 19.00
N ASP A 150 -0.18 -3.28 19.17
CA ASP A 150 -0.12 -4.52 19.96
C ASP A 150 -0.50 -4.30 21.42
N LYS A 151 -0.20 -3.11 21.94
CA LYS A 151 -0.68 -2.66 23.26
C LYS A 151 -2.19 -2.87 23.42
N VAL A 152 -2.94 -2.45 22.41
CA VAL A 152 -4.40 -2.53 22.44
C VAL A 152 -4.83 -3.99 22.40
N LEU A 153 -4.10 -4.82 21.66
CA LEU A 153 -4.36 -6.26 21.62
C LEU A 153 -4.18 -6.88 23.01
N GLN A 154 -3.12 -6.50 23.70
CA GLN A 154 -2.84 -6.99 25.05
C GLN A 154 -3.96 -6.65 26.02
N ALA A 155 -4.42 -5.39 25.99
CA ALA A 155 -5.52 -4.95 26.86
C ALA A 155 -6.83 -5.65 26.52
N GLU A 156 -7.13 -5.72 25.22
CA GLU A 156 -8.38 -6.33 24.76
C GLU A 156 -8.49 -7.81 25.06
N GLN A 157 -7.37 -8.53 25.04
CA GLN A 157 -7.39 -9.96 25.35
C GLN A 157 -7.86 -10.22 26.78
N LEU A 158 -7.29 -9.49 27.74
CA LEU A 158 -7.67 -9.64 29.14
C LEU A 158 -9.10 -9.18 29.40
N ARG A 159 -9.52 -8.08 28.79
CA ARG A 159 -10.91 -7.66 28.94
C ARG A 159 -11.87 -8.69 28.32
N GLN A 160 -11.44 -9.32 27.23
CA GLN A 160 -12.28 -10.30 26.54
C GLN A 160 -12.48 -11.56 27.37
N LYS A 161 -11.42 -12.05 28.00
CA LYS A 161 -11.56 -13.21 28.88
C LYS A 161 -12.40 -12.87 30.12
N GLN A 162 -12.23 -11.66 30.66
CA GLN A 162 -13.06 -11.19 31.76
C GLN A 162 -14.53 -11.14 31.35
N LEU A 163 -14.79 -10.66 30.13
CA LEU A 163 -16.16 -10.54 29.60
C LEU A 163 -16.81 -11.90 29.42
N THR A 164 -16.13 -12.81 28.72
CA THR A 164 -16.67 -14.14 28.48
C THR A 164 -16.77 -14.98 29.76
N GLU A 165 -16.02 -14.61 30.79
CA GLU A 165 -16.10 -15.26 32.09
C GLU A 165 -17.27 -14.72 32.91
N ASP A 166 -17.50 -13.41 32.87
CA ASP A 166 -18.55 -12.79 33.68
C ASP A 166 -19.94 -12.96 33.06
N ILE A 167 -20.03 -13.01 31.74
CA ILE A 167 -21.31 -13.22 31.08
C ILE A 167 -21.90 -14.59 31.43
N ALA A 168 -21.05 -15.61 31.55
CA ALA A 168 -21.50 -16.94 31.96
C ALA A 168 -22.11 -16.92 33.36
N THR A 169 -21.49 -16.19 34.28
CA THR A 169 -21.98 -16.09 35.66
C THR A 169 -23.27 -15.29 35.76
N LYS A 170 -23.35 -14.18 35.02
CA LYS A 170 -24.59 -13.40 34.95
C LYS A 170 -25.73 -14.19 34.28
N GLU A 171 -25.39 -15.00 33.28
CA GLU A 171 -26.36 -15.89 32.65
C GLU A 171 -26.83 -16.99 33.62
N LEU A 172 -25.91 -17.48 34.45
CA LEU A 172 -26.28 -18.41 35.53
C LEU A 172 -27.27 -17.78 36.49
N GLU A 173 -27.01 -16.53 36.90
CA GLU A 173 -27.92 -15.81 37.78
C GLU A 173 -29.29 -15.66 37.12
N ARG A 174 -29.29 -15.24 35.84
CA ARG A 174 -30.52 -15.12 35.07
C ARG A 174 -31.27 -16.44 35.00
N LYS A 175 -30.55 -17.53 34.78
CA LYS A 175 -31.16 -18.85 34.71
C LYS A 175 -31.72 -19.31 36.04
N GLU A 176 -31.04 -18.95 37.13
CA GLU A 176 -31.50 -19.27 38.49
C GLU A 176 -32.84 -18.60 38.77
N ILE A 177 -32.89 -17.28 38.60
CA ILE A 177 -34.14 -16.53 38.78
C ILE A 177 -35.18 -16.87 37.71
N GLU A 178 -34.74 -17.40 36.57
CA GLU A 178 -35.64 -17.90 35.54
C GLU A 178 -36.37 -19.19 35.96
N LYS A 179 -35.63 -20.10 36.57
CA LYS A 179 -36.25 -21.27 37.19
C LYS A 179 -37.17 -20.84 38.34
N LYS A 180 -36.73 -19.87 39.12
CA LYS A 180 -37.54 -19.35 40.23
C LYS A 180 -38.84 -18.69 39.77
N ARG A 181 -38.83 -18.03 38.61
CA ARG A 181 -40.06 -17.46 38.07
C ARG A 181 -40.93 -18.50 37.38
N ASP A 182 -40.30 -19.44 36.66
CA ASP A 182 -41.05 -20.47 35.94
C ASP A 182 -41.78 -21.44 36.88
N LYS A 183 -41.12 -21.83 37.97
CA LYS A 183 -41.71 -22.76 38.92
C LYS A 183 -42.87 -22.15 39.71
N ILE A 184 -42.82 -20.84 39.93
CA ILE A 184 -43.86 -20.13 40.68
C ILE A 184 -45.02 -19.70 39.77
N ILE A 185 -44.70 -19.18 38.58
CA ILE A 185 -45.73 -18.83 37.61
C ILE A 185 -46.55 -20.05 37.21
N GLU A 186 -45.88 -21.19 37.03
CA GLU A 186 -46.56 -22.44 36.68
C GLU A 186 -47.37 -22.95 37.87
N ALA A 187 -48.52 -22.30 38.11
CA ALA A 187 -49.39 -22.66 39.23
C ALA A 187 -50.78 -22.04 39.08
N LEU A 246 -48.55 -13.26 46.53
CA LEU A 246 -47.92 -14.23 45.65
C LEU A 246 -47.58 -13.62 44.30
N THR A 247 -48.60 -13.15 43.59
CA THR A 247 -48.41 -12.49 42.31
C THR A 247 -47.55 -11.23 42.44
N ASP A 248 -47.56 -10.61 43.62
CA ASP A 248 -46.66 -9.51 43.92
C ASP A 248 -45.20 -9.95 43.79
N ALA A 249 -44.88 -11.12 44.33
CA ALA A 249 -43.53 -11.69 44.17
C ALA A 249 -43.24 -12.11 42.74
N ARG A 250 -44.25 -12.67 42.07
CA ARG A 250 -44.14 -13.04 40.65
C ARG A 250 -43.78 -11.86 39.76
N LYS A 251 -44.26 -10.67 40.11
CA LYS A 251 -43.96 -9.44 39.37
C LYS A 251 -42.77 -8.67 39.93
N LYS A 252 -42.38 -8.95 41.18
CA LYS A 252 -41.22 -8.31 41.78
C LYS A 252 -39.90 -8.95 41.36
N LEU A 253 -39.92 -10.26 41.10
CA LEU A 253 -38.73 -10.94 40.59
C LEU A 253 -38.34 -10.44 39.21
N ASP A 254 -39.32 -9.91 38.47
CA ASP A 254 -39.07 -9.31 37.16
C ASP A 254 -38.12 -8.10 37.22
N ASN A 255 -38.03 -7.45 38.38
CA ASN A 255 -37.01 -6.40 38.58
C ASN A 255 -35.61 -6.99 38.42
N GLN A 256 -35.34 -8.08 39.13
CA GLN A 256 -34.04 -8.77 39.01
C GLN A 256 -33.84 -9.37 37.63
N ILE A 257 -34.93 -9.86 37.04
CA ILE A 257 -34.90 -10.37 35.65
C ILE A 257 -34.42 -9.28 34.69
N ASP A 258 -35.03 -8.10 34.80
CA ASP A 258 -34.70 -6.99 33.92
C ASP A 258 -33.31 -6.43 34.18
N THR A 259 -32.89 -6.39 35.44
CA THR A 259 -31.54 -5.95 35.76
C THR A 259 -30.48 -6.90 35.20
N ALA A 260 -30.71 -8.21 35.33
CA ALA A 260 -29.81 -9.20 34.76
C ALA A 260 -29.80 -9.13 33.23
N SER A 261 -30.96 -8.92 32.62
CA SER A 261 -31.06 -8.79 31.17
C SER A 261 -30.35 -7.54 30.65
N THR A 262 -30.50 -6.43 31.37
CA THR A 262 -29.80 -5.20 31.01
C THR A 262 -28.30 -5.35 31.18
N ARG A 263 -27.85 -6.08 32.21
CA ARG A 263 -26.43 -6.41 32.36
C ARG A 263 -25.92 -7.29 31.22
N LEU A 264 -26.73 -8.27 30.80
CA LEU A 264 -26.38 -9.13 29.66
C LEU A 264 -26.20 -8.32 28.37
N THR A 265 -27.15 -7.45 28.09
CA THR A 265 -27.07 -6.57 26.93
C THR A 265 -25.95 -5.52 27.07
N GLU A 266 -25.67 -5.13 28.32
CA GLU A 266 -24.60 -4.18 28.63
C GLU A 266 -23.21 -4.77 28.35
N LEU A 267 -23.07 -6.08 28.55
CA LEU A 267 -21.80 -6.78 28.33
C LEU A 267 -21.64 -7.34 26.92
N ASN A 268 -22.76 -7.69 26.28
CA ASN A 268 -22.70 -8.20 24.91
C ASN A 268 -22.22 -7.15 23.92
N ARG A 269 -22.71 -5.92 24.08
CA ARG A 269 -22.24 -4.82 23.22
C ARG A 269 -20.77 -4.49 23.48
N GLN A 270 -20.33 -4.64 24.73
CA GLN A 270 -18.90 -4.48 25.05
C GLN A 270 -18.05 -5.56 24.39
N LEU A 271 -18.55 -6.79 24.36
CA LEU A 271 -17.88 -7.87 23.64
C LEU A 271 -17.78 -7.57 22.16
N GLU A 272 -18.86 -7.06 21.58
CA GLU A 272 -18.86 -6.67 20.16
C GLU A 272 -17.88 -5.53 19.88
N GLN A 273 -17.81 -4.56 20.81
CA GLN A 273 -16.86 -3.46 20.69
C GLN A 273 -15.41 -3.95 20.75
N SER A 274 -15.12 -4.83 21.69
CA SER A 274 -13.77 -5.42 21.81
C SER A 274 -13.40 -6.22 20.56
N GLU A 275 -14.35 -6.98 20.03
CA GLU A 275 -14.10 -7.77 18.82
C GLU A 275 -13.87 -6.88 17.60
N LYS A 276 -14.61 -5.78 17.53
CA LYS A 276 -14.41 -4.78 16.48
C LYS A 276 -13.03 -4.14 16.56
N LEU A 277 -12.59 -3.83 17.77
CA LEU A 277 -11.24 -3.30 18.00
C LEU A 277 -10.17 -4.30 17.59
N ILE A 278 -10.37 -5.57 17.91
CA ILE A 278 -9.42 -6.63 17.54
C ILE A 278 -9.34 -6.75 16.01
N ALA A 279 -10.50 -6.75 15.35
CA ALA A 279 -10.56 -6.85 13.89
C ALA A 279 -9.89 -5.65 13.22
N GLY A 280 -10.11 -4.45 13.76
CA GLY A 280 -9.49 -3.24 13.24
C GLY A 280 -7.98 -3.23 13.39
N VAL A 281 -7.49 -3.72 14.53
CA VAL A 281 -6.06 -3.85 14.76
C VAL A 281 -5.44 -4.84 13.79
N ASN A 282 -6.08 -5.99 13.59
CA ASN A 282 -5.59 -6.97 12.61
C ASN A 282 -5.61 -6.41 11.18
N ALA A 283 -6.61 -5.60 10.87
CA ALA A 283 -6.70 -4.91 9.58
C ALA A 283 -5.55 -3.94 9.39
N VAL A 284 -5.19 -3.19 10.44
CA VAL A 284 -4.08 -2.24 10.36
C VAL A 284 -2.74 -2.98 10.24
N ILE A 285 -2.65 -4.18 10.82
CA ILE A 285 -1.45 -5.00 10.69
C ILE A 285 -1.27 -5.46 9.25
N LYS A 286 -2.35 -5.95 8.63
CA LYS A 286 -2.29 -6.33 7.22
C LYS A 286 -2.05 -5.13 6.30
N ILE A 287 -2.56 -3.96 6.70
CA ILE A 287 -2.26 -2.71 5.98
C ILE A 287 -0.76 -2.43 6.01
N ASP A 288 -0.15 -2.57 7.19
CA ASP A 288 1.31 -2.46 7.32
C ASP A 288 2.02 -3.41 6.35
N GLN A 289 1.59 -4.67 6.34
CA GLN A 289 2.23 -5.69 5.52
C GLN A 289 2.20 -5.34 4.04
N GLU A 290 1.02 -5.00 3.54
CA GLU A 290 0.87 -4.68 2.12
C GLU A 290 1.52 -3.35 1.74
N LYS A 291 1.50 -2.38 2.65
CA LYS A 291 2.21 -1.12 2.45
C LYS A 291 3.72 -1.36 2.36
N SER A 292 4.23 -2.27 3.19
CA SER A 292 5.65 -2.65 3.15
C SER A 292 6.01 -3.29 1.81
N ALA A 293 5.14 -4.18 1.31
CA ALA A 293 5.32 -4.74 -0.04
C ALA A 293 5.37 -3.66 -1.11
N VAL A 294 4.48 -2.67 -0.98
CA VAL A 294 4.44 -1.52 -1.90
C VAL A 294 5.74 -0.72 -1.87
N VAL A 295 6.25 -0.46 -0.67
CA VAL A 295 7.49 0.31 -0.51
C VAL A 295 8.69 -0.46 -1.07
N VAL A 296 8.72 -1.77 -0.86
CA VAL A 296 9.78 -2.61 -1.42
C VAL A 296 9.75 -2.57 -2.94
N GLU A 297 8.54 -2.64 -3.51
CA GLU A 297 8.39 -2.55 -4.97
C GLU A 297 8.83 -1.20 -5.51
N ALA A 298 8.53 -0.12 -4.76
CA ALA A 298 8.98 1.23 -5.14
C ALA A 298 10.50 1.35 -5.15
N GLU A 299 11.14 0.75 -4.14
CA GLU A 299 12.61 0.73 -4.08
C GLU A 299 13.21 -0.07 -5.23
N LYS A 300 12.58 -1.20 -5.56
CA LYS A 300 12.99 -2.02 -6.69
C LYS A 300 12.92 -1.26 -8.01
N LEU A 301 11.82 -0.54 -8.23
CA LEU A 301 11.65 0.24 -9.44
C LEU A 301 12.62 1.41 -9.52
N SER A 302 12.85 2.08 -8.39
CA SER A 302 13.83 3.16 -8.32
C SER A 302 15.23 2.67 -8.67
N ARG A 303 15.58 1.47 -8.19
CA ARG A 303 16.88 0.88 -8.51
C ARG A 303 16.97 0.46 -9.98
N ALA A 304 15.86 0.00 -10.55
CA ALA A 304 15.81 -0.33 -11.99
C ALA A 304 16.05 0.91 -12.86
N TRP A 305 15.40 2.01 -12.49
CA TRP A 305 15.65 3.29 -13.16
C TRP A 305 17.09 3.75 -12.99
N HIS A 306 17.64 3.56 -11.80
CA HIS A 306 19.05 3.85 -11.55
C HIS A 306 19.98 3.01 -12.42
N ILE A 307 19.62 1.76 -12.64
CA ILE A 307 20.38 0.87 -13.51
C ILE A 307 20.37 1.38 -14.95
N PHE A 308 19.20 1.73 -15.47
CA PHE A 308 19.12 2.24 -16.83
C PHE A 308 19.83 3.59 -17.00
N ILE A 309 19.76 4.45 -16.00
CA ILE A 309 20.43 5.74 -16.10
C ILE A 309 21.95 5.56 -16.01
N HIS A 310 22.40 4.57 -15.24
CA HIS A 310 23.79 4.12 -15.25
C HIS A 310 24.21 3.67 -16.66
N GLU A 311 23.36 2.89 -17.32
CA GLU A 311 23.63 2.47 -18.69
C GLU A 311 23.69 3.64 -19.66
N ILE A 312 22.82 4.63 -19.46
CA ILE A 312 22.85 5.86 -20.27
C ILE A 312 24.15 6.64 -20.06
N THR A 313 24.59 6.73 -18.80
CA THR A 313 25.86 7.39 -18.49
C THR A 313 27.06 6.66 -19.08
N ALA A 314 26.95 5.34 -19.26
CA ALA A 314 28.02 4.54 -19.84
C ALA A 314 28.44 5.00 -21.23
N LEU A 315 27.53 5.64 -21.97
CA LEU A 315 27.85 6.13 -23.31
C LEU A 315 28.76 7.35 -23.27
N GLN A 316 28.51 8.25 -22.32
CA GLN A 316 29.25 9.51 -22.20
C GLN A 316 29.05 10.35 -23.48
N GLY A 317 30.01 11.19 -23.86
CA GLY A 317 29.85 12.08 -24.99
C GLY A 317 30.71 11.77 -26.20
N THR A 318 31.08 10.50 -26.36
CA THR A 318 31.88 10.08 -27.51
C THR A 318 31.02 10.17 -28.78
N SER A 319 29.80 9.63 -28.72
CA SER A 319 28.80 9.80 -29.78
C SER A 319 29.29 9.29 -31.14
N LEU A 320 29.99 8.16 -31.11
CA LEU A 320 30.63 7.60 -32.29
C LEU A 320 29.66 6.77 -33.13
N ASN A 321 28.77 6.03 -32.47
CA ASN A 321 27.81 5.14 -33.13
C ASN A 321 26.39 5.36 -32.63
N GLU A 322 25.44 5.33 -33.57
CA GLU A 322 24.01 5.45 -33.29
C GLU A 322 23.33 4.09 -33.10
N VAL A 323 23.75 3.12 -33.90
CA VAL A 323 23.19 1.76 -33.86
C VAL A 323 23.20 1.14 -32.47
N GLU A 324 24.29 1.37 -31.74
CA GLU A 324 24.37 0.91 -30.35
C GLU A 324 23.46 1.74 -29.47
N LEU A 325 23.49 3.07 -29.63
CA LEU A 325 22.63 3.97 -28.83
C LEU A 325 21.16 3.56 -28.85
N SER A 326 20.69 3.11 -30.03
CA SER A 326 19.29 2.71 -30.17
C SER A 326 18.93 1.52 -29.30
N LYS A 327 19.88 0.65 -28.99
CA LYS A 327 19.58 -0.63 -28.35
C LYS A 327 19.23 -0.55 -26.85
N PRO A 328 20.08 0.08 -26.01
CA PRO A 328 19.63 0.28 -24.63
C PRO A 328 18.37 1.11 -24.47
N LEU A 329 18.20 2.11 -25.33
CA LEU A 329 16.97 2.90 -25.31
C LEU A 329 15.73 2.03 -25.53
N ILE A 330 15.76 1.19 -26.56
CA ILE A 330 14.65 0.26 -26.81
C ILE A 330 14.58 -0.89 -25.80
N LYS A 331 15.70 -1.20 -25.14
CA LYS A 331 15.71 -2.19 -24.06
C LYS A 331 14.95 -1.69 -22.85
N GLN A 332 15.21 -0.45 -22.44
CA GLN A 332 14.37 0.19 -21.43
C GLN A 332 12.95 0.39 -21.95
N GLN A 333 12.80 0.60 -23.26
CA GLN A 333 11.48 0.75 -23.85
C GLN A 333 10.62 -0.49 -23.61
N ILE A 334 11.15 -1.66 -24.01
CA ILE A 334 10.46 -2.93 -23.75
C ILE A 334 10.24 -3.18 -22.26
N TYR A 335 11.29 -2.97 -21.46
CA TYR A 335 11.24 -3.28 -20.03
C TYR A 335 10.18 -2.42 -19.34
N LEU A 336 10.22 -1.11 -19.60
CA LEU A 336 9.29 -0.17 -19.01
C LEU A 336 7.87 -0.35 -19.57
N GLU A 337 7.77 -0.68 -20.85
CA GLU A 337 6.46 -0.94 -21.47
C GLU A 337 5.82 -2.18 -20.86
N SER A 338 6.60 -3.22 -20.62
CA SER A 338 6.13 -4.42 -19.93
C SER A 338 5.72 -4.13 -18.49
N LEU A 339 6.44 -3.22 -17.83
CA LEU A 339 6.06 -2.75 -16.50
C LEU A 339 4.72 -2.01 -16.54
N ILE A 340 4.55 -1.17 -17.57
CA ILE A 340 3.28 -0.46 -17.78
C ILE A 340 2.14 -1.43 -18.07
N LYS A 341 2.44 -2.49 -18.83
CA LYS A 341 1.47 -3.56 -19.09
C LYS A 341 0.96 -4.18 -17.78
N GLN A 342 1.88 -4.43 -16.85
CA GLN A 342 1.53 -5.02 -15.56
C GLN A 342 0.96 -3.96 -14.61
N LEU A 343 -0.37 -3.85 -14.61
CA LEU A 343 -1.08 -2.97 -13.68
C LEU A 343 -2.55 -3.39 -13.57
#